data_1X3W
#
_entry.id   1X3W
#
_cell.length_a   129.235
_cell.length_b   129.235
_cell.length_c   128.494
_cell.angle_alpha   90.00
_cell.angle_beta   90.00
_cell.angle_gamma   120.00
#
_symmetry.space_group_name_H-M   'P 31 2 1'
#
loop_
_entity.id
_entity.type
_entity.pdbx_description
1 polymer peptide:N-glycanase
2 polymer 'UV excision repair protein RAD23'
3 branched beta-D-fructofuranose-(2-1)-alpha-D-glucopyranose
4 non-polymer 'ZINC ION'
5 water water
#
loop_
_entity_poly.entity_id
_entity_poly.type
_entity_poly.pdbx_seq_one_letter_code
_entity_poly.pdbx_strand_id
1 'polypeptide(L)'
;NNIDFDSIAK(MSE)LLIKYKDFILSKFKKAAPVENIRFQNLVHTNQFAQGVLGQSQHLCTVYDNPSWHSIVLETLDLDL
IYKNVDKEFAKDGHAEGENIYTDYLVKELLRYFKQDFFKWCNKPDCNHCGQNTSEN(MSE)TPLGSQGPNGEESKFNCGT
VEIYKCNRCGNITRFPRYNDPIKLLETRKGRCGEWCNLFTLILKSFGLDVRYVWNREDHVWCEYFSNFLNRWVHVDSCEQ
SFDQPYIYSINWNKK(MSE)SYCIAFGKDGVVDVSKRYILQNELPRDQIKEEDLKFLCQFITKRLRYSLNDDEIYQLACR
DEQEQIELIRGKTQETKSESVSAASKS
;
A
2 'polypeptide(L)' GTTGGATDAAQGGPPGSIGLTVEDLLSLRQVVSGNPEALAPLLENISARYPQLREHI(MSE)ANPEVFVS(MSE)LLEAV B
#
# COMPACT_ATOMS: atom_id res chain seq x y z
N ASN A 1 -14.83 -15.15 -43.76
CA ASN A 1 -13.51 -14.95 -43.11
C ASN A 1 -13.24 -16.03 -42.05
N ASN A 2 -12.12 -15.87 -41.36
CA ASN A 2 -11.64 -16.73 -40.32
C ASN A 2 -10.42 -16.07 -39.66
N ILE A 3 -10.57 -14.79 -39.32
CA ILE A 3 -9.46 -13.91 -38.90
C ILE A 3 -8.53 -14.54 -37.87
N ASP A 4 -7.23 -14.28 -38.02
CA ASP A 4 -6.24 -14.89 -37.15
C ASP A 4 -6.04 -14.07 -35.88
N PHE A 5 -6.46 -14.64 -34.75
CA PHE A 5 -6.36 -13.92 -33.49
C PHE A 5 -4.97 -14.04 -32.93
N ASP A 6 -4.48 -15.27 -32.88
CA ASP A 6 -3.16 -15.55 -32.35
C ASP A 6 -2.14 -14.53 -32.78
N SER A 7 -2.08 -14.23 -34.07
CA SER A 7 -1.12 -13.28 -34.57
C SER A 7 -1.51 -11.87 -34.15
N ILE A 8 -2.80 -11.58 -34.14
CA ILE A 8 -3.25 -10.24 -33.79
C ILE A 8 -3.04 -9.97 -32.29
N ALA A 9 -3.15 -11.04 -31.50
CA ALA A 9 -2.84 -11.00 -30.08
C ALA A 9 -1.39 -10.65 -29.86
N LYS A 10 -0.51 -11.58 -30.20
CA LYS A 10 0.93 -11.37 -30.13
C LYS A 10 1.29 -9.97 -30.52
N LEU A 12 -0.40 -7.28 -30.58
CA LEU A 12 -0.90 -6.33 -29.57
C LEU A 12 0.00 -6.28 -28.34
N LEU A 13 0.05 -7.39 -27.61
CA LEU A 13 0.96 -7.55 -26.47
C LEU A 13 2.21 -6.70 -26.62
N ILE A 14 2.81 -6.75 -27.81
CA ILE A 14 4.07 -6.08 -28.07
C ILE A 14 3.81 -4.60 -28.11
N LYS A 15 2.91 -4.17 -28.98
CA LYS A 15 2.59 -2.77 -29.07
C LYS A 15 2.13 -2.19 -27.73
N TYR A 16 1.71 -3.04 -26.80
CA TYR A 16 1.28 -2.62 -25.46
C TYR A 16 2.50 -2.40 -24.59
N LYS A 17 3.29 -3.46 -24.47
CA LYS A 17 4.55 -3.46 -23.71
C LYS A 17 5.44 -2.30 -24.14
N ASP A 18 5.13 -1.77 -25.31
CA ASP A 18 5.86 -0.65 -25.83
C ASP A 18 5.32 0.60 -25.24
N PHE A 19 4.04 0.81 -25.46
CA PHE A 19 3.38 1.99 -24.95
C PHE A 19 3.64 2.15 -23.46
N ILE A 20 3.52 1.06 -22.70
CA ILE A 20 3.83 1.03 -21.27
C ILE A 20 5.20 1.56 -20.96
N LEU A 21 6.18 1.06 -21.71
CA LEU A 21 7.58 1.35 -21.51
C LEU A 21 7.91 2.76 -21.94
N SER A 22 6.89 3.55 -22.28
CA SER A 22 7.06 4.91 -22.76
C SER A 22 6.46 5.85 -21.76
N LYS A 23 5.31 5.43 -21.24
CA LYS A 23 4.69 6.02 -20.05
C LYS A 23 5.77 6.25 -18.98
N PHE A 24 6.46 5.17 -18.59
CA PHE A 24 7.47 5.22 -17.53
C PHE A 24 8.88 5.53 -18.04
N LYS A 25 9.00 5.70 -19.36
CA LYS A 25 10.19 6.35 -19.92
C LYS A 25 10.03 7.84 -19.72
N LYS A 26 11.14 8.56 -19.96
CA LYS A 26 11.22 10.03 -20.06
C LYS A 26 10.61 10.86 -18.91
N ALA A 27 11.33 11.91 -18.52
CA ALA A 27 10.71 13.02 -17.79
C ALA A 27 10.04 13.90 -18.85
N ALA A 28 8.71 14.03 -18.81
CA ALA A 28 8.04 15.00 -19.69
C ALA A 28 8.14 16.37 -19.01
N PRO A 29 8.53 17.41 -19.79
CA PRO A 29 8.75 18.74 -19.19
C PRO A 29 7.44 19.53 -19.09
N VAL A 30 6.47 19.10 -19.91
CA VAL A 30 5.10 19.61 -19.94
C VAL A 30 4.32 19.26 -18.67
N GLU A 31 4.56 18.05 -18.16
CA GLU A 31 3.96 17.58 -16.92
C GLU A 31 4.66 18.20 -15.75
N ASN A 32 5.98 18.06 -15.74
CA ASN A 32 6.78 18.59 -14.65
C ASN A 32 6.26 19.95 -14.21
N ILE A 33 5.83 20.77 -15.18
CA ILE A 33 5.30 22.10 -14.87
C ILE A 33 3.94 22.02 -14.15
N ARG A 34 3.05 21.17 -14.66
CA ARG A 34 1.72 21.03 -14.08
C ARG A 34 1.81 20.45 -12.68
N PHE A 35 2.61 19.40 -12.52
CA PHE A 35 2.90 18.86 -11.21
C PHE A 35 3.34 20.00 -10.30
N GLN A 36 4.48 20.59 -10.62
CA GLN A 36 5.10 21.62 -9.82
C GLN A 36 4.07 22.59 -9.26
N ASN A 37 3.25 23.11 -10.15
CA ASN A 37 2.30 24.15 -9.84
C ASN A 37 1.07 23.64 -9.04
N LEU A 38 0.60 22.43 -9.37
CA LEU A 38 -0.52 21.84 -8.66
C LEU A 38 -0.19 21.58 -7.20
N VAL A 39 1.04 21.16 -6.98
CA VAL A 39 1.60 21.04 -5.64
C VAL A 39 1.43 22.35 -4.86
N HIS A 40 1.55 23.48 -5.54
CA HIS A 40 1.37 24.76 -4.88
C HIS A 40 -0.08 25.23 -4.88
N THR A 41 -0.90 24.74 -5.82
CA THR A 41 -2.33 25.09 -5.84
C THR A 41 -3.06 24.43 -4.67
N ASN A 42 -3.02 23.09 -4.62
CA ASN A 42 -3.65 22.32 -3.57
C ASN A 42 -2.62 21.79 -2.61
N GLN A 43 -2.97 21.81 -1.32
CA GLN A 43 -2.11 21.31 -0.25
C GLN A 43 -2.29 19.81 0.04
N PHE A 44 -3.52 19.29 -0.05
CA PHE A 44 -3.73 17.86 0.09
C PHE A 44 -2.83 17.10 -0.86
N ALA A 45 -2.55 17.72 -2.01
CA ALA A 45 -1.53 17.25 -2.94
C ALA A 45 -0.18 17.31 -2.26
N GLN A 46 0.14 18.46 -1.69
CA GLN A 46 1.35 18.60 -0.91
C GLN A 46 1.42 17.51 0.12
N GLY A 47 0.30 17.32 0.82
CA GLY A 47 0.14 16.25 1.81
C GLY A 47 0.80 14.98 1.35
N VAL A 48 0.26 14.40 0.28
CA VAL A 48 0.76 13.14 -0.26
C VAL A 48 2.18 13.27 -0.75
N LEU A 49 2.57 14.44 -1.23
CA LEU A 49 3.90 14.61 -1.77
C LEU A 49 4.90 14.48 -0.65
N GLY A 50 4.62 15.18 0.44
CA GLY A 50 5.43 15.07 1.63
C GLY A 50 5.49 13.64 2.09
N GLN A 51 4.32 13.03 2.23
CA GLN A 51 4.27 11.65 2.67
C GLN A 51 5.10 10.76 1.76
N SER A 52 4.95 10.94 0.44
CA SER A 52 5.68 10.14 -0.52
C SER A 52 7.16 10.29 -0.24
N GLN A 53 7.60 11.54 -0.14
CA GLN A 53 8.99 11.84 0.13
C GLN A 53 9.50 11.19 1.38
N HIS A 54 8.69 11.05 2.42
CA HIS A 54 9.18 10.35 3.60
C HIS A 54 9.03 8.85 3.46
N LEU A 55 7.79 8.40 3.60
CA LEU A 55 7.48 7.00 3.64
C LEU A 55 8.17 6.22 2.55
N CYS A 56 8.09 6.73 1.32
CA CYS A 56 8.52 5.97 0.14
C CYS A 56 9.94 5.52 0.09
N THR A 57 10.75 5.96 1.05
CA THR A 57 12.12 5.50 1.15
C THR A 57 12.36 5.12 2.58
N VAL A 58 12.85 6.07 3.35
CA VAL A 58 12.95 5.99 4.81
C VAL A 58 13.09 4.63 5.46
N TYR A 59 12.26 3.67 5.07
CA TYR A 59 12.32 2.36 5.67
C TYR A 59 13.28 1.47 4.95
N ASP A 60 14.15 2.02 4.12
CA ASP A 60 15.08 1.16 3.44
C ASP A 60 16.51 1.46 3.89
N ASN A 61 16.77 1.28 5.18
CA ASN A 61 18.05 1.54 5.82
C ASN A 61 18.57 0.28 6.32
N PRO A 62 19.45 -0.37 5.58
CA PRO A 62 19.80 -1.73 5.98
C PRO A 62 20.47 -1.70 7.34
N SER A 63 21.03 -0.53 7.65
CA SER A 63 21.33 -0.11 9.01
C SER A 63 20.20 -0.60 9.91
N TRP A 64 19.04 0.07 9.84
CA TRP A 64 17.83 -0.26 10.62
C TRP A 64 17.50 -1.71 10.49
N HIS A 65 17.30 -2.15 9.24
CA HIS A 65 16.92 -3.52 8.96
C HIS A 65 17.69 -4.47 9.85
N SER A 66 18.98 -4.21 10.03
CA SER A 66 19.80 -5.02 10.92
C SER A 66 19.33 -4.95 12.36
N ILE A 67 19.41 -3.75 12.94
CA ILE A 67 19.03 -3.55 14.33
C ILE A 67 17.79 -4.38 14.67
N VAL A 68 16.74 -4.21 13.87
CA VAL A 68 15.50 -4.95 14.10
C VAL A 68 15.76 -6.45 14.06
N LEU A 69 16.45 -6.90 13.03
CA LEU A 69 16.75 -8.31 12.91
C LEU A 69 17.51 -8.80 14.13
N GLU A 70 18.31 -7.93 14.74
CA GLU A 70 19.05 -8.37 15.92
C GLU A 70 18.09 -8.55 17.04
N THR A 71 17.28 -7.50 17.28
CA THR A 71 16.52 -7.35 18.51
C THR A 71 15.26 -8.21 18.56
N LEU A 72 14.65 -8.48 17.41
CA LEU A 72 13.51 -9.39 17.36
C LEU A 72 13.95 -10.78 17.68
N ASP A 73 13.03 -11.63 18.08
CA ASP A 73 13.38 -13.02 18.34
C ASP A 73 12.98 -13.92 17.17
N LEU A 74 13.93 -14.09 16.24
CA LEU A 74 13.75 -14.82 14.98
C LEU A 74 13.65 -16.29 15.23
N ASP A 75 14.45 -16.73 16.19
CA ASP A 75 14.40 -18.09 16.67
C ASP A 75 12.94 -18.53 16.97
N LEU A 76 12.28 -17.77 17.85
CA LEU A 76 10.88 -17.98 18.19
C LEU A 76 9.95 -17.78 17.00
N ILE A 77 10.17 -16.72 16.22
CA ILE A 77 9.31 -16.46 15.08
C ILE A 77 9.28 -17.62 14.10
N TYR A 78 10.45 -17.98 13.56
CA TYR A 78 10.53 -19.03 12.56
C TYR A 78 10.10 -20.37 13.12
N LYS A 79 10.48 -20.64 14.38
CA LYS A 79 10.01 -21.83 15.10
C LYS A 79 8.52 -21.99 14.91
N ASN A 80 7.81 -20.88 15.06
CA ASN A 80 6.38 -20.88 14.94
C ASN A 80 5.92 -20.98 13.52
N VAL A 81 6.56 -20.25 12.62
CA VAL A 81 6.10 -20.28 11.24
C VAL A 81 6.18 -21.70 10.72
N ASP A 82 7.29 -22.37 11.02
CA ASP A 82 7.48 -23.75 10.60
C ASP A 82 6.44 -24.67 11.22
N LYS A 83 6.20 -24.48 12.51
CA LYS A 83 5.14 -25.21 13.19
C LYS A 83 3.82 -25.10 12.41
N GLU A 84 3.46 -23.88 12.00
CA GLU A 84 2.17 -23.66 11.34
C GLU A 84 2.21 -24.04 9.87
N PHE A 85 3.38 -23.94 9.26
CA PHE A 85 3.53 -24.29 7.86
C PHE A 85 3.30 -25.79 7.69
N ALA A 86 3.99 -26.55 8.53
CA ALA A 86 3.89 -28.01 8.58
C ALA A 86 2.46 -28.49 8.87
N LYS A 87 1.72 -27.71 9.67
CA LYS A 87 0.31 -28.00 10.01
C LYS A 87 -0.51 -28.41 8.80
N ASP A 88 -0.84 -27.44 7.95
CA ASP A 88 -1.47 -27.74 6.68
C ASP A 88 -0.49 -27.48 5.54
N GLY A 89 -0.12 -26.20 5.39
CA GLY A 89 0.52 -25.72 4.17
C GLY A 89 -0.57 -25.67 3.11
N HIS A 90 -1.28 -24.53 3.05
CA HIS A 90 -2.54 -24.36 2.31
C HIS A 90 -2.81 -25.23 1.04
N ALA A 91 -2.67 -24.62 -0.13
CA ALA A 91 -2.99 -25.25 -1.43
C ALA A 91 -1.76 -25.96 -2.03
N GLU A 92 -1.14 -25.35 -3.05
CA GLU A 92 0.00 -25.97 -3.72
C GLU A 92 1.29 -25.71 -2.92
N GLY A 93 2.29 -26.59 -3.09
CA GLY A 93 3.67 -26.35 -2.63
C GLY A 93 4.16 -25.03 -3.21
N GLU A 94 4.07 -23.98 -2.40
CA GLU A 94 4.01 -22.63 -2.93
C GLU A 94 4.58 -21.53 -2.00
N ASN A 95 4.31 -20.28 -2.36
CA ASN A 95 4.80 -19.14 -1.60
C ASN A 95 4.02 -18.88 -0.33
N ILE A 96 3.00 -19.69 -0.13
CA ILE A 96 2.18 -19.62 1.05
C ILE A 96 3.03 -19.49 2.33
N TYR A 97 4.29 -19.88 2.28
CA TYR A 97 5.09 -19.75 3.48
C TYR A 97 5.19 -18.32 3.94
N THR A 98 5.51 -17.41 3.03
CA THR A 98 5.76 -16.05 3.46
C THR A 98 4.52 -15.41 4.13
N ASP A 99 3.32 -15.84 3.75
CA ASP A 99 2.12 -15.40 4.43
C ASP A 99 2.17 -15.77 5.88
N TYR A 100 2.36 -17.07 6.14
CA TYR A 100 2.43 -17.57 7.52
C TYR A 100 3.46 -16.78 8.31
N LEU A 101 4.51 -16.34 7.62
CA LEU A 101 5.48 -15.45 8.21
C LEU A 101 4.85 -14.17 8.71
N VAL A 102 4.28 -13.40 7.80
CA VAL A 102 3.64 -12.13 8.14
C VAL A 102 2.62 -12.39 9.22
N LYS A 103 1.66 -13.26 8.88
CA LYS A 103 0.67 -13.73 9.84
C LYS A 103 1.30 -13.94 11.21
N GLU A 104 2.41 -14.66 11.26
CA GLU A 104 3.06 -14.81 12.54
C GLU A 104 3.63 -13.51 13.07
N LEU A 105 4.45 -12.83 12.28
CA LEU A 105 4.97 -11.55 12.73
C LEU A 105 3.84 -10.83 13.42
N LEU A 106 2.64 -10.93 12.84
CA LEU A 106 1.46 -10.31 13.41
C LEU A 106 1.22 -10.65 14.87
N ARG A 107 1.06 -11.93 15.18
CA ARG A 107 0.86 -12.32 16.56
C ARG A 107 2.06 -11.94 17.42
N TYR A 108 3.26 -12.18 16.90
CA TYR A 108 4.43 -11.90 17.71
C TYR A 108 4.41 -10.44 18.16
N PHE A 109 4.03 -9.55 17.26
CA PHE A 109 4.09 -8.15 17.60
C PHE A 109 3.08 -7.86 18.64
N LYS A 110 1.89 -8.46 18.51
CA LYS A 110 0.81 -8.22 19.46
C LYS A 110 0.96 -8.97 20.78
N GLN A 111 0.74 -10.28 20.78
CA GLN A 111 0.77 -11.00 22.04
C GLN A 111 2.18 -11.20 22.50
N ASP A 112 3.03 -10.20 22.33
CA ASP A 112 4.42 -10.43 22.61
C ASP A 112 5.33 -9.25 22.56
N PHE A 113 5.42 -8.59 21.42
CA PHE A 113 6.48 -7.62 21.29
C PHE A 113 6.12 -6.23 21.80
N PHE A 114 5.04 -5.69 21.29
CA PHE A 114 4.71 -4.30 21.51
C PHE A 114 3.58 -4.22 22.52
N LYS A 115 3.58 -3.17 23.33
CA LYS A 115 2.47 -3.00 24.27
C LYS A 115 1.70 -1.72 23.93
N TRP A 116 0.38 -1.76 24.12
CA TRP A 116 -0.47 -0.63 23.75
C TRP A 116 -0.54 0.45 24.79
N CYS A 117 -0.44 1.69 24.35
CA CYS A 117 -0.40 2.78 25.28
C CYS A 117 -1.59 3.70 25.13
N ASN A 118 -2.58 3.57 26.02
CA ASN A 118 -3.69 4.53 26.04
C ASN A 118 -3.43 5.77 26.85
N LYS A 119 -3.39 5.62 28.17
CA LYS A 119 -2.71 6.57 29.04
C LYS A 119 -1.48 5.80 29.45
N PRO A 120 -0.33 6.47 29.58
CA PRO A 120 0.86 5.75 29.99
C PRO A 120 0.64 5.22 31.39
N ASP A 121 1.27 4.10 31.72
CA ASP A 121 1.26 3.66 33.10
C ASP A 121 2.09 4.69 33.86
N CYS A 122 1.77 4.88 35.13
CA CYS A 122 2.55 5.81 35.91
C CYS A 122 3.84 5.09 36.19
N ASN A 123 4.96 5.71 35.82
CA ASN A 123 6.22 5.08 36.14
C ASN A 123 6.47 5.07 37.65
N HIS A 124 6.78 6.19 38.29
CA HIS A 124 6.99 6.12 39.74
C HIS A 124 6.04 5.13 40.48
N CYS A 125 4.74 5.17 40.17
CA CYS A 125 3.77 4.30 40.85
C CYS A 125 4.02 2.83 40.60
N GLY A 126 2.99 2.02 40.82
CA GLY A 126 2.98 0.60 40.43
C GLY A 126 3.09 0.40 38.92
N GLN A 127 3.14 -0.86 38.50
CA GLN A 127 3.34 -1.15 37.09
C GLN A 127 2.03 -0.97 36.33
N ASN A 128 1.03 -1.82 36.63
CA ASN A 128 -0.24 -1.82 35.91
C ASN A 128 -1.25 -0.74 36.37
N THR A 129 -1.03 0.50 35.93
CA THR A 129 -1.62 1.68 36.55
C THR A 129 -2.11 2.76 35.58
N SER A 130 -2.77 2.34 34.49
CA SER A 130 -3.32 3.31 33.55
C SER A 130 -4.41 4.15 34.24
N GLU A 131 -5.49 3.49 34.67
CA GLU A 131 -6.73 4.13 35.18
C GLU A 131 -6.61 5.57 35.75
N ASN A 132 -5.81 5.69 36.80
CA ASN A 132 -5.81 6.82 37.69
C ASN A 132 -4.78 7.86 37.26
N THR A 134 -4.65 11.60 35.04
CA THR A 134 -5.42 12.60 34.32
C THR A 134 -4.57 13.46 33.45
N PRO A 135 -4.92 13.47 32.16
CA PRO A 135 -4.25 14.15 31.08
C PRO A 135 -4.12 15.60 31.43
N LEU A 136 -2.91 16.06 31.68
CA LEU A 136 -2.69 17.48 31.88
C LEU A 136 -2.68 18.28 30.60
N GLY A 137 -2.17 17.72 29.52
CA GLY A 137 -2.05 18.45 28.28
C GLY A 137 -0.95 17.83 27.46
N SER A 138 -0.40 18.63 26.54
CA SER A 138 0.68 18.17 25.68
C SER A 138 1.63 19.32 25.46
N GLN A 139 2.85 19.02 25.10
CA GLN A 139 3.82 20.06 24.84
C GLN A 139 4.97 19.58 23.96
N GLY A 140 5.87 20.51 23.66
CA GLY A 140 7.10 20.24 22.93
C GLY A 140 7.96 19.22 23.64
N PRO A 141 8.86 18.60 22.88
CA PRO A 141 9.71 17.54 23.36
C PRO A 141 10.81 18.12 24.22
N ASN A 142 11.25 17.35 25.21
CA ASN A 142 12.18 17.87 26.21
C ASN A 142 13.52 18.26 25.61
N GLY A 143 14.09 17.39 24.79
CA GLY A 143 15.45 17.63 24.34
C GLY A 143 16.21 16.34 24.31
N GLU A 144 16.08 15.55 25.37
CA GLU A 144 16.54 14.16 25.31
C GLU A 144 15.59 13.41 24.38
N GLU A 145 14.44 14.02 24.10
CA GLU A 145 13.44 13.36 23.30
C GLU A 145 13.19 14.12 22.00
N SER A 146 14.10 15.01 21.65
CA SER A 146 14.15 15.57 20.28
C SER A 146 15.25 14.84 19.57
N LYS A 147 16.06 14.20 20.40
CA LYS A 147 17.07 13.23 19.97
C LYS A 147 16.45 12.08 19.17
N PHE A 148 15.13 11.95 19.21
CA PHE A 148 14.44 10.94 18.42
C PHE A 148 13.40 11.72 17.64
N ASN A 149 12.59 11.10 16.80
CA ASN A 149 11.78 12.01 16.04
C ASN A 149 10.41 12.26 16.61
N CYS A 150 10.29 13.39 17.32
CA CYS A 150 9.15 13.63 18.19
C CYS A 150 8.81 15.09 18.24
N GLY A 151 7.57 15.42 17.88
CA GLY A 151 7.08 16.78 17.93
C GLY A 151 6.24 17.08 19.16
N THR A 152 5.68 16.02 19.75
CA THR A 152 4.70 16.12 20.85
C THR A 152 4.86 15.08 21.96
N VAL A 153 4.81 15.59 23.18
CA VAL A 153 4.76 14.75 24.36
C VAL A 153 3.44 15.02 25.07
N GLU A 154 2.71 13.95 25.34
CA GLU A 154 1.50 14.05 26.13
C GLU A 154 1.93 13.84 27.55
N ILE A 155 1.36 14.65 28.44
CA ILE A 155 1.80 14.65 29.81
C ILE A 155 0.64 14.22 30.69
N TYR A 156 0.95 13.40 31.67
CA TYR A 156 -0.06 12.80 32.50
C TYR A 156 0.28 12.96 33.96
N LYS A 157 -0.76 13.23 34.77
CA LYS A 157 -0.62 13.38 36.21
C LYS A 157 -1.19 12.17 36.90
N CYS A 158 -0.38 11.63 37.80
CA CYS A 158 -0.70 10.42 38.51
C CYS A 158 -1.39 10.79 39.81
N ASN A 159 -2.69 10.55 39.85
CA ASN A 159 -3.51 10.92 41.00
C ASN A 159 -3.24 10.16 42.28
N ARG A 160 -2.39 9.14 42.23
CA ARG A 160 -2.06 8.42 43.46
C ARG A 160 -0.72 8.86 44.04
N CYS A 161 0.24 9.21 43.20
CA CYS A 161 1.56 9.63 43.72
C CYS A 161 1.82 11.11 43.50
N GLY A 162 1.02 11.74 42.65
CA GLY A 162 1.15 13.16 42.36
C GLY A 162 2.35 13.46 41.50
N ASN A 163 2.76 12.50 40.67
CA ASN A 163 3.94 12.62 39.80
C ASN A 163 3.65 12.54 38.30
N ILE A 164 4.21 13.48 37.54
CA ILE A 164 4.03 13.52 36.09
C ILE A 164 4.71 12.35 35.44
N THR A 165 4.00 11.68 34.53
CA THR A 165 4.59 10.69 33.63
C THR A 165 4.41 11.25 32.22
N ARG A 166 5.48 11.21 31.42
CA ARG A 166 5.43 11.77 30.06
C ARG A 166 5.29 10.66 29.04
N PHE A 167 4.57 10.92 27.97
CA PHE A 167 4.44 9.93 26.94
C PHE A 167 4.67 10.64 25.65
N PRO A 168 5.93 10.60 25.19
CA PRO A 168 6.33 11.37 24.03
C PRO A 168 6.00 10.54 22.82
N ARG A 169 5.60 11.20 21.75
CA ARG A 169 5.17 10.45 20.60
C ARG A 169 6.24 10.52 19.52
N TYR A 170 6.98 9.41 19.40
CA TYR A 170 8.20 9.32 18.62
C TYR A 170 7.97 8.81 17.21
N ASN A 171 8.73 9.31 16.25
CA ASN A 171 8.66 8.78 14.89
C ASN A 171 9.84 7.87 14.48
N ASP A 172 10.93 7.94 15.24
CA ASP A 172 12.08 7.07 15.00
C ASP A 172 11.78 5.64 15.42
N PRO A 173 11.61 4.75 14.45
CA PRO A 173 11.12 3.44 14.78
C PRO A 173 12.09 2.73 15.70
N ILE A 174 13.35 3.17 15.68
CA ILE A 174 14.33 2.44 16.47
C ILE A 174 14.11 2.77 17.90
N LYS A 175 13.88 4.04 18.17
CA LYS A 175 13.51 4.45 19.51
C LYS A 175 12.29 3.65 19.97
N LEU A 176 11.36 3.46 19.05
CA LEU A 176 10.20 2.64 19.29
C LEU A 176 10.60 1.23 19.58
N LEU A 177 11.88 0.95 19.51
CA LEU A 177 12.32 -0.38 19.76
C LEU A 177 12.68 -0.46 21.21
N GLU A 178 12.85 0.71 21.82
CA GLU A 178 13.28 0.81 23.22
C GLU A 178 12.04 0.92 24.10
N THR A 179 11.23 1.96 23.89
CA THR A 179 9.87 2.03 24.44
C THR A 179 9.19 0.96 23.66
N ARG A 180 8.32 0.19 24.25
CA ARG A 180 7.67 -0.80 23.43
C ARG A 180 6.21 -0.45 23.31
N LYS A 181 5.93 0.78 23.72
CA LYS A 181 4.57 1.25 23.80
C LYS A 181 4.22 2.13 22.63
N GLY A 182 2.94 2.15 22.33
CA GLY A 182 2.43 3.15 21.42
C GLY A 182 0.99 2.95 21.04
N ARG A 183 0.38 4.01 20.52
CA ARG A 183 -0.94 3.89 19.94
C ARG A 183 -0.74 3.40 18.55
N CYS A 184 -1.69 3.75 17.72
CA CYS A 184 -1.76 3.28 16.37
C CYS A 184 -0.59 3.82 15.55
N GLY A 185 -0.36 5.11 15.66
CA GLY A 185 0.66 5.77 14.86
C GLY A 185 1.93 4.97 14.85
N GLU A 186 2.51 4.81 16.03
CA GLU A 186 3.81 4.20 16.11
C GLU A 186 3.66 2.72 15.95
N TRP A 187 2.55 2.20 16.45
CA TRP A 187 2.23 0.81 16.23
C TRP A 187 2.46 0.41 14.76
N CYS A 188 2.01 1.26 13.84
CA CYS A 188 2.14 0.96 12.42
C CYS A 188 3.57 1.17 12.00
N ASN A 189 4.01 2.42 12.00
CA ASN A 189 5.39 2.77 11.72
C ASN A 189 6.44 1.67 11.93
N LEU A 190 6.65 1.26 13.18
CA LEU A 190 7.57 0.18 13.46
C LEU A 190 7.25 -1.02 12.62
N PHE A 191 6.04 -1.54 12.77
CA PHE A 191 5.68 -2.80 12.13
C PHE A 191 5.84 -2.77 10.63
N THR A 192 5.59 -1.62 10.01
CA THR A 192 5.87 -1.43 8.61
C THR A 192 7.33 -1.81 8.35
N LEU A 193 8.26 -1.24 9.11
CA LEU A 193 9.67 -1.62 8.98
C LEU A 193 9.91 -3.09 9.33
N ILE A 194 9.40 -3.54 10.47
CA ILE A 194 9.60 -4.92 10.84
C ILE A 194 9.31 -5.82 9.67
N LEU A 195 8.41 -5.40 8.79
CA LEU A 195 8.12 -6.22 7.60
C LEU A 195 9.12 -6.01 6.50
N LYS A 196 9.49 -4.75 6.31
CA LYS A 196 10.44 -4.36 5.30
C LYS A 196 11.77 -5.02 5.58
N SER A 197 12.02 -5.27 6.86
CA SER A 197 13.27 -5.84 7.31
C SER A 197 13.36 -7.30 6.97
N PHE A 198 12.23 -7.95 6.80
CA PHE A 198 12.26 -9.29 6.24
C PHE A 198 12.22 -9.16 4.75
N GLY A 199 12.30 -7.91 4.30
CA GLY A 199 12.28 -7.57 2.88
C GLY A 199 11.11 -8.17 2.12
N LEU A 200 9.91 -7.85 2.56
CA LEU A 200 8.71 -8.21 1.83
C LEU A 200 8.34 -6.94 1.11
N ASP A 201 7.38 -6.98 0.20
CA ASP A 201 6.93 -5.72 -0.36
C ASP A 201 5.89 -5.04 0.51
N VAL A 202 6.13 -3.83 0.93
CA VAL A 202 5.22 -3.24 1.90
C VAL A 202 4.86 -1.81 1.53
N ARG A 203 3.58 -1.45 1.63
CA ARG A 203 3.16 -0.05 1.58
C ARG A 203 2.73 0.35 2.96
N TYR A 204 2.83 1.63 3.25
CA TYR A 204 2.27 2.19 4.47
C TYR A 204 1.07 2.93 3.97
N VAL A 205 -0.10 2.49 4.40
CA VAL A 205 -1.35 3.07 3.94
C VAL A 205 -1.88 4.07 4.96
N TRP A 206 -2.24 5.26 4.48
CA TRP A 206 -2.66 6.36 5.32
C TRP A 206 -4.10 6.73 5.06
N ASN A 207 -4.96 6.57 6.06
CA ASN A 207 -6.32 7.04 5.97
C ASN A 207 -6.38 8.42 6.54
N ARG A 208 -7.00 9.34 5.81
CA ARG A 208 -7.12 10.74 6.24
C ARG A 208 -7.72 10.94 7.64
N GLU A 209 -8.67 10.07 7.99
CA GLU A 209 -9.34 10.20 9.28
C GLU A 209 -8.66 9.41 10.39
N ASP A 210 -7.38 9.73 10.62
CA ASP A 210 -6.61 9.27 11.78
C ASP A 210 -6.47 7.78 11.92
N HIS A 211 -6.05 7.13 10.82
CA HIS A 211 -5.65 5.75 10.89
C HIS A 211 -4.66 5.38 9.82
N VAL A 212 -3.80 4.43 10.16
CA VAL A 212 -2.82 3.94 9.25
C VAL A 212 -2.62 2.48 9.52
N TRP A 213 -2.22 1.75 8.49
CA TRP A 213 -1.93 0.35 8.61
C TRP A 213 -1.05 0.06 7.43
N CYS A 214 -0.74 -1.20 7.21
CA CYS A 214 0.05 -1.49 6.03
C CYS A 214 -0.45 -2.58 5.11
N GLU A 215 -0.12 -2.40 3.85
CA GLU A 215 -0.31 -3.43 2.87
C GLU A 215 1.00 -4.17 2.59
N TYR A 216 0.85 -5.47 2.37
CA TYR A 216 1.96 -6.30 2.10
C TYR A 216 1.57 -7.05 0.87
N PHE A 217 2.50 -7.25 -0.03
CA PHE A 217 2.20 -7.95 -1.24
C PHE A 217 2.52 -9.41 -1.16
N SER A 218 1.50 -10.25 -1.30
CA SER A 218 1.65 -11.70 -1.21
C SER A 218 1.82 -12.25 -2.59
N ASN A 219 2.90 -12.99 -2.83
CA ASN A 219 3.11 -13.68 -4.11
C ASN A 219 2.24 -14.91 -4.25
N PHE A 220 1.91 -15.51 -3.10
CA PHE A 220 0.97 -16.61 -3.13
C PHE A 220 -0.36 -16.12 -3.71
N LEU A 221 -1.03 -15.19 -3.03
CA LEU A 221 -2.31 -14.69 -3.52
C LEU A 221 -2.06 -13.66 -4.60
N ASN A 222 -0.83 -13.20 -4.65
CA ASN A 222 -0.40 -12.10 -5.52
C ASN A 222 -1.46 -11.03 -5.80
N ARG A 223 -1.56 -10.20 -4.78
CA ARG A 223 -2.26 -8.95 -4.74
C ARG A 223 -1.71 -8.37 -3.45
N TRP A 224 -2.04 -7.13 -3.17
CA TRP A 224 -1.71 -6.62 -1.88
C TRP A 224 -2.62 -7.25 -0.86
N VAL A 225 -2.17 -7.31 0.39
CA VAL A 225 -3.02 -7.74 1.46
C VAL A 225 -3.00 -6.67 2.54
N HIS A 226 -4.20 -6.37 3.02
CA HIS A 226 -4.34 -5.41 4.10
C HIS A 226 -3.82 -6.09 5.34
N VAL A 227 -2.77 -5.56 5.94
CA VAL A 227 -2.38 -6.04 7.26
C VAL A 227 -2.43 -4.85 8.20
N ASP A 228 -2.94 -5.09 9.40
CA ASP A 228 -2.94 -4.06 10.43
C ASP A 228 -2.41 -4.71 11.69
N SER A 229 -1.38 -4.12 12.28
CA SER A 229 -0.73 -4.74 13.44
C SER A 229 -1.51 -4.52 14.71
N CYS A 230 -2.25 -3.41 14.78
CA CYS A 230 -3.04 -3.04 15.94
C CYS A 230 -4.10 -4.07 16.20
N GLU A 231 -5.07 -4.15 15.30
CA GLU A 231 -5.89 -5.32 15.28
C GLU A 231 -4.86 -6.26 14.72
N GLN A 232 -4.82 -7.46 15.24
CA GLN A 232 -3.85 -8.41 14.74
C GLN A 232 -4.42 -9.05 13.47
N SER A 233 -4.82 -8.21 12.53
CA SER A 233 -5.61 -8.65 11.40
C SER A 233 -4.78 -8.93 10.17
N PHE A 234 -4.99 -10.10 9.57
CA PHE A 234 -4.33 -10.42 8.29
C PHE A 234 -4.99 -9.89 7.05
N ASP A 235 -6.18 -10.35 6.71
CA ASP A 235 -6.64 -9.89 5.42
C ASP A 235 -8.06 -9.37 5.42
N GLN A 236 -8.30 -8.22 6.02
CA GLN A 236 -9.69 -7.83 6.13
C GLN A 236 -9.93 -6.37 5.94
N PRO A 237 -9.74 -5.92 4.70
CA PRO A 237 -9.83 -4.52 4.28
C PRO A 237 -11.13 -3.84 4.72
N TYR A 238 -12.16 -4.64 5.00
CA TYR A 238 -13.48 -4.12 5.34
C TYR A 238 -13.43 -3.61 6.77
N ILE A 239 -13.12 -4.48 7.74
CA ILE A 239 -12.92 -4.08 9.12
C ILE A 239 -13.35 -2.63 9.41
N TYR A 240 -12.50 -1.68 9.03
CA TYR A 240 -12.71 -0.26 9.28
C TYR A 240 -14.08 0.22 8.79
N SER A 241 -14.28 0.18 7.48
CA SER A 241 -15.49 0.74 6.92
C SER A 241 -16.76 0.02 7.36
N ILE A 242 -16.71 -1.29 7.59
CA ILE A 242 -17.93 -1.89 8.07
C ILE A 242 -18.02 -2.24 9.54
N ASN A 243 -17.08 -3.01 10.09
CA ASN A 243 -17.20 -3.38 11.51
C ASN A 243 -17.16 -2.20 12.41
N TRP A 244 -16.21 -1.33 12.11
CA TRP A 244 -16.04 -0.15 12.90
C TRP A 244 -17.03 0.88 12.47
N ASN A 245 -17.43 0.81 11.21
CA ASN A 245 -18.29 1.80 10.64
C ASN A 245 -17.55 3.11 10.62
N LYS A 246 -16.32 3.07 10.13
CA LYS A 246 -15.56 4.29 10.05
C LYS A 246 -16.11 5.18 8.92
N LYS A 247 -15.95 6.48 9.08
CA LYS A 247 -16.31 7.42 8.05
C LYS A 247 -15.04 7.74 7.31
N SER A 249 -12.69 9.04 3.90
CA SER A 249 -12.70 9.93 2.75
C SER A 249 -11.64 9.52 1.75
N TYR A 250 -10.46 9.19 2.25
CA TYR A 250 -9.29 8.91 1.41
C TYR A 250 -8.40 7.82 2.02
N CYS A 251 -7.85 6.98 1.15
CA CYS A 251 -6.81 6.02 1.53
C CYS A 251 -5.68 6.03 0.51
N ILE A 252 -4.49 6.43 0.95
CA ILE A 252 -3.36 6.38 0.04
C ILE A 252 -2.33 5.41 0.57
N ALA A 253 -1.62 4.78 -0.34
CA ALA A 253 -0.55 3.91 0.06
C ALA A 253 0.74 4.39 -0.54
N PHE A 254 1.77 4.39 0.31
CA PHE A 254 3.09 4.75 -0.14
C PHE A 254 4.05 3.60 0.14
N GLY A 255 4.66 3.14 -0.92
CA GLY A 255 5.68 2.11 -0.86
C GLY A 255 6.76 2.54 -1.81
N LYS A 256 7.96 1.98 -1.62
CA LYS A 256 9.14 2.42 -2.35
C LYS A 256 9.00 2.25 -3.86
N ASP A 257 7.90 1.63 -4.27
CA ASP A 257 7.69 1.40 -5.67
C ASP A 257 6.52 2.17 -6.23
N GLY A 258 5.67 2.71 -5.36
CA GLY A 258 4.54 3.51 -5.81
C GLY A 258 3.74 4.19 -4.71
N VAL A 259 3.13 5.31 -5.07
CA VAL A 259 2.05 5.88 -4.30
C VAL A 259 0.81 5.66 -5.15
N VAL A 260 -0.17 4.95 -4.59
CA VAL A 260 -1.42 4.64 -5.26
C VAL A 260 -2.58 4.75 -4.28
N ASP A 261 -3.59 5.49 -4.71
CA ASP A 261 -4.85 5.59 -4.00
C ASP A 261 -5.56 4.23 -3.88
N VAL A 262 -5.72 3.75 -2.66
CA VAL A 262 -6.34 2.45 -2.44
C VAL A 262 -7.69 2.60 -1.78
N SER A 263 -8.31 3.74 -1.97
CA SER A 263 -9.56 4.03 -1.29
C SER A 263 -10.59 2.96 -1.58
N LYS A 264 -10.80 2.68 -2.85
CA LYS A 264 -11.79 1.73 -3.29
C LYS A 264 -11.66 0.38 -2.61
N ARG A 265 -10.53 0.14 -1.97
CA ARG A 265 -10.30 -1.16 -1.35
C ARG A 265 -10.93 -1.22 0.02
N TYR A 266 -11.03 -0.04 0.63
CA TYR A 266 -11.44 0.10 2.01
C TYR A 266 -12.76 0.84 2.16
N ILE A 267 -12.81 2.08 1.71
CA ILE A 267 -14.01 2.90 1.80
C ILE A 267 -15.09 2.24 0.99
N LEU A 268 -15.66 1.17 1.49
CA LEU A 268 -16.66 0.48 0.71
C LEU A 268 -18.01 0.57 1.39
N GLN A 269 -18.45 1.80 1.71
CA GLN A 269 -19.60 2.10 2.61
C GLN A 269 -19.18 3.20 3.63
N ASN A 270 -20.12 4.04 4.08
CA ASN A 270 -19.79 5.20 4.94
C ASN A 270 -18.79 6.08 4.20
N GLU A 271 -19.11 6.37 2.95
CA GLU A 271 -18.21 7.11 2.11
C GLU A 271 -18.35 8.61 2.31
N LEU A 272 -17.21 9.29 2.42
CA LEU A 272 -17.22 10.73 2.58
C LEU A 272 -17.00 11.46 1.27
N PRO A 273 -17.34 12.74 1.24
CA PRO A 273 -16.93 13.77 0.30
C PRO A 273 -15.44 13.72 0.03
N ARG A 274 -15.13 13.55 -1.24
CA ARG A 274 -13.78 13.34 -1.69
C ARG A 274 -13.41 14.61 -2.42
N ASP A 275 -12.64 15.49 -1.79
CA ASP A 275 -12.33 16.77 -2.44
C ASP A 275 -11.40 17.69 -1.66
N GLN A 276 -10.11 17.50 -1.87
CA GLN A 276 -9.18 18.56 -1.61
C GLN A 276 -8.40 18.58 -2.90
N ILE A 277 -9.02 18.05 -3.95
CA ILE A 277 -8.31 17.74 -5.16
C ILE A 277 -9.29 17.22 -6.17
N LYS A 278 -9.17 17.74 -7.39
CA LYS A 278 -9.94 17.25 -8.53
C LYS A 278 -9.64 15.76 -8.68
N GLU A 279 -10.70 14.95 -8.75
CA GLU A 279 -10.54 13.50 -8.63
C GLU A 279 -9.52 12.87 -9.56
N GLU A 280 -9.21 13.54 -10.67
CA GLU A 280 -8.20 13.03 -11.60
C GLU A 280 -6.90 13.84 -11.56
N ASP A 281 -6.86 14.87 -10.72
CA ASP A 281 -5.62 15.54 -10.45
C ASP A 281 -4.84 14.65 -9.51
N LEU A 282 -5.59 13.93 -8.69
CA LEU A 282 -5.06 12.95 -7.78
C LEU A 282 -4.42 11.82 -8.55
N LYS A 283 -5.19 11.22 -9.44
CA LYS A 283 -4.68 10.20 -10.32
C LYS A 283 -3.37 10.65 -10.88
N PHE A 284 -3.35 11.79 -11.55
CA PHE A 284 -2.10 12.30 -12.08
C PHE A 284 -1.02 12.28 -11.04
N LEU A 285 -1.32 12.84 -9.88
CA LEU A 285 -0.36 12.97 -8.80
C LEU A 285 0.40 11.68 -8.62
N CYS A 286 -0.30 10.65 -8.15
CA CYS A 286 0.30 9.35 -7.90
C CYS A 286 1.18 8.87 -9.03
N GLN A 287 0.60 8.88 -10.22
CA GLN A 287 1.28 8.32 -11.37
C GLN A 287 2.57 9.04 -11.58
N PHE A 288 2.51 10.35 -11.44
CA PHE A 288 3.72 11.13 -11.54
C PHE A 288 4.80 10.75 -10.51
N ILE A 289 4.38 10.63 -9.25
CA ILE A 289 5.30 10.37 -8.14
C ILE A 289 5.97 9.03 -8.35
N THR A 290 5.16 8.07 -8.77
CA THR A 290 5.62 6.71 -8.99
C THR A 290 6.60 6.69 -10.15
N LYS A 291 6.24 7.37 -11.24
CA LYS A 291 7.14 7.49 -12.40
C LYS A 291 8.46 8.00 -11.89
N ARG A 292 8.42 9.20 -11.35
CA ARG A 292 9.61 9.82 -10.80
C ARG A 292 10.31 8.88 -9.80
N LEU A 293 9.52 8.11 -9.06
CA LEU A 293 10.05 7.19 -8.06
C LEU A 293 10.76 6.01 -8.72
N ARG A 294 10.57 5.87 -10.02
CA ARG A 294 11.03 4.68 -10.71
C ARG A 294 12.13 4.87 -11.76
N TYR A 295 12.59 6.11 -11.98
CA TYR A 295 13.60 6.41 -13.03
C TYR A 295 14.79 5.48 -13.03
N SER A 296 15.10 4.98 -11.84
CA SER A 296 16.17 4.04 -11.65
C SER A 296 15.99 2.74 -12.49
N LEU A 297 14.90 2.01 -12.24
CA LEU A 297 14.72 0.61 -12.70
C LEU A 297 14.92 0.31 -14.17
N ASN A 298 15.43 -0.88 -14.45
CA ASN A 298 15.59 -1.33 -15.83
C ASN A 298 14.25 -1.58 -16.53
N ASP A 299 14.30 -2.14 -17.74
CA ASP A 299 13.14 -2.22 -18.63
C ASP A 299 12.23 -3.46 -18.49
N ASP A 300 12.38 -4.23 -17.43
CA ASP A 300 11.41 -5.29 -17.15
C ASP A 300 10.82 -4.90 -15.86
N GLU A 301 11.68 -4.88 -14.85
CA GLU A 301 11.33 -4.31 -13.58
C GLU A 301 10.23 -3.29 -13.85
N ILE A 302 10.53 -2.31 -14.70
CA ILE A 302 9.61 -1.23 -15.01
C ILE A 302 8.26 -1.68 -15.59
N TYR A 303 8.27 -2.65 -16.50
CA TYR A 303 7.04 -3.16 -17.09
C TYR A 303 6.35 -4.09 -16.13
N GLN A 304 7.09 -5.10 -15.68
CA GLN A 304 6.60 -6.06 -14.74
C GLN A 304 5.82 -5.41 -13.59
N LEU A 305 6.27 -4.25 -13.11
CA LEU A 305 5.51 -3.46 -12.13
C LEU A 305 4.28 -2.78 -12.71
N ALA A 306 4.46 -2.06 -13.82
CA ALA A 306 3.33 -1.42 -14.47
C ALA A 306 2.19 -2.41 -14.71
N CYS A 307 2.53 -3.69 -14.72
CA CYS A 307 1.55 -4.73 -14.83
C CYS A 307 0.82 -4.99 -13.56
N ARG A 308 1.54 -5.44 -12.52
CA ARG A 308 0.97 -5.47 -11.17
C ARG A 308 0.16 -4.18 -10.85
N ASP A 309 0.51 -3.07 -11.47
CA ASP A 309 -0.27 -1.84 -11.31
C ASP A 309 -1.68 -1.98 -11.87
N GLU A 310 -1.78 -2.19 -13.18
CA GLU A 310 -3.06 -2.48 -13.83
C GLU A 310 -3.81 -3.60 -13.16
N GLN A 311 -3.11 -4.69 -12.90
CA GLN A 311 -3.71 -5.83 -12.20
C GLN A 311 -4.49 -5.42 -10.97
N GLU A 312 -3.99 -4.40 -10.28
CA GLU A 312 -4.61 -3.95 -9.05
C GLU A 312 -5.70 -2.97 -9.39
N GLN A 313 -5.36 -1.97 -10.20
CA GLN A 313 -6.35 -1.03 -10.70
C GLN A 313 -7.64 -1.71 -11.07
N ILE A 314 -7.52 -2.91 -11.60
CA ILE A 314 -8.66 -3.62 -12.09
C ILE A 314 -9.27 -4.52 -11.04
N GLU A 315 -8.69 -4.52 -9.85
CA GLU A 315 -9.21 -5.31 -8.75
C GLU A 315 -10.00 -4.33 -7.92
N LEU A 316 -9.48 -3.12 -7.88
CA LEU A 316 -10.15 -2.03 -7.21
C LEU A 316 -11.44 -1.71 -7.96
N ILE A 317 -11.29 -1.09 -9.13
CA ILE A 317 -12.43 -0.73 -9.94
C ILE A 317 -13.41 -1.88 -10.14
N ARG A 318 -12.96 -3.12 -10.05
CA ARG A 318 -13.92 -4.22 -10.18
C ARG A 318 -14.58 -4.36 -8.84
N GLY A 319 -13.83 -4.10 -7.79
CA GLY A 319 -14.35 -4.20 -6.43
C GLY A 319 -14.64 -5.61 -5.93
N LYS A 320 -14.22 -6.62 -6.70
CA LYS A 320 -14.50 -8.03 -6.37
C LYS A 320 -14.46 -8.34 -4.86
N GLY B 16 -19.19 5.27 -33.66
CA GLY B 16 -17.86 5.94 -33.69
C GLY B 16 -16.69 5.18 -33.03
N SER B 17 -15.82 5.98 -32.36
CA SER B 17 -14.52 5.61 -31.69
C SER B 17 -14.06 4.12 -31.66
N ILE B 18 -14.08 3.50 -30.47
CA ILE B 18 -14.06 2.01 -30.36
C ILE B 18 -15.50 1.48 -30.33
N GLY B 19 -16.20 1.81 -29.24
CA GLY B 19 -17.54 1.31 -28.95
C GLY B 19 -17.46 0.00 -28.17
N LEU B 20 -16.62 -0.02 -27.12
CA LEU B 20 -16.41 -1.25 -26.36
C LEU B 20 -16.98 -1.20 -24.95
N THR B 21 -17.64 -2.30 -24.57
CA THR B 21 -18.29 -2.40 -23.25
C THR B 21 -17.31 -2.26 -22.09
N VAL B 22 -17.58 -1.23 -21.30
CA VAL B 22 -16.97 -1.03 -19.98
C VAL B 22 -16.51 -2.31 -19.29
N GLU B 23 -17.39 -3.29 -19.24
CA GLU B 23 -17.02 -4.58 -18.73
C GLU B 23 -15.94 -5.31 -19.55
N ASP B 24 -16.12 -5.41 -20.86
CA ASP B 24 -15.15 -6.10 -21.72
C ASP B 24 -13.84 -5.42 -21.60
N LEU B 25 -13.81 -4.19 -22.09
CA LEU B 25 -12.67 -3.31 -22.05
C LEU B 25 -11.86 -3.44 -20.76
N LEU B 26 -12.53 -3.50 -19.63
CA LEU B 26 -11.86 -3.80 -18.38
C LEU B 26 -11.23 -5.16 -18.58
N SER B 27 -12.08 -6.18 -18.56
CA SER B 27 -11.70 -7.55 -18.81
C SER B 27 -10.45 -7.72 -19.71
N LEU B 28 -10.51 -7.18 -20.94
CA LEU B 28 -9.40 -7.07 -21.88
C LEU B 28 -8.10 -6.68 -21.20
N ARG B 29 -8.03 -5.43 -20.78
CA ARG B 29 -6.83 -4.87 -20.20
C ARG B 29 -6.47 -5.56 -18.92
N GLN B 30 -7.29 -6.49 -18.46
CA GLN B 30 -6.91 -7.32 -17.35
C GLN B 30 -5.95 -8.38 -17.83
N VAL B 31 -6.34 -9.14 -18.85
CA VAL B 31 -5.52 -10.25 -19.36
C VAL B 31 -4.23 -9.80 -20.03
N VAL B 32 -4.34 -8.79 -20.90
CA VAL B 32 -3.18 -8.14 -21.45
C VAL B 32 -2.14 -7.93 -20.39
N SER B 33 -2.57 -7.53 -19.20
CA SER B 33 -1.63 -7.28 -18.12
C SER B 33 -1.32 -8.47 -17.23
N GLY B 34 -2.14 -9.51 -17.25
CA GLY B 34 -2.02 -10.54 -16.22
C GLY B 34 -2.18 -11.93 -16.75
N ASN B 35 -2.52 -12.02 -18.03
CA ASN B 35 -2.73 -13.32 -18.67
C ASN B 35 -2.51 -13.32 -20.19
N PRO B 36 -1.32 -12.88 -20.66
CA PRO B 36 -1.16 -12.70 -22.10
C PRO B 36 -1.41 -13.96 -22.90
N GLU B 37 -1.30 -15.10 -22.22
CA GLU B 37 -1.46 -16.43 -22.81
C GLU B 37 -2.89 -16.70 -23.25
N ALA B 38 -3.82 -15.81 -22.89
CA ALA B 38 -5.22 -16.02 -23.25
C ALA B 38 -5.83 -14.80 -23.95
N LEU B 39 -4.97 -13.88 -24.40
CA LEU B 39 -5.46 -12.67 -25.05
C LEU B 39 -6.22 -12.96 -26.30
N ALA B 40 -5.82 -14.02 -27.01
CA ALA B 40 -6.43 -14.33 -28.31
C ALA B 40 -7.88 -14.79 -28.20
N PRO B 41 -8.14 -15.86 -27.41
CA PRO B 41 -9.50 -16.33 -27.32
C PRO B 41 -10.47 -15.30 -26.73
N LEU B 42 -10.02 -14.47 -25.79
CA LEU B 42 -10.79 -13.30 -25.41
C LEU B 42 -10.96 -12.48 -26.69
N LEU B 43 -9.83 -11.98 -27.21
CA LEU B 43 -9.81 -11.08 -28.36
C LEU B 43 -10.67 -11.58 -29.47
N GLU B 44 -10.87 -12.88 -29.48
CA GLU B 44 -11.74 -13.52 -30.42
C GLU B 44 -13.18 -13.23 -30.07
N ASN B 45 -13.70 -13.98 -29.10
CA ASN B 45 -15.07 -13.89 -28.65
C ASN B 45 -15.58 -12.44 -28.52
N ILE B 46 -14.69 -11.55 -28.13
CA ILE B 46 -14.97 -10.13 -28.10
C ILE B 46 -15.26 -9.62 -29.52
N SER B 47 -15.02 -10.45 -30.53
CA SER B 47 -15.36 -10.11 -31.92
C SER B 47 -16.62 -10.85 -32.32
N ALA B 48 -16.70 -12.11 -31.89
CA ALA B 48 -17.90 -12.91 -32.03
C ALA B 48 -19.10 -12.05 -31.64
N ARG B 49 -18.83 -11.02 -30.85
CA ARG B 49 -19.88 -10.32 -30.19
C ARG B 49 -20.14 -8.93 -30.71
N TYR B 50 -19.18 -8.33 -31.39
CA TYR B 50 -19.36 -6.97 -31.90
C TYR B 50 -19.28 -6.91 -33.42
N PRO B 51 -20.35 -7.34 -34.14
CA PRO B 51 -20.41 -7.21 -35.60
C PRO B 51 -19.53 -6.10 -36.16
N GLN B 52 -19.89 -4.86 -35.88
CA GLN B 52 -19.15 -3.68 -36.34
C GLN B 52 -17.63 -3.78 -36.16
N LEU B 53 -17.18 -4.62 -35.24
CA LEU B 53 -15.74 -4.82 -34.99
C LEU B 53 -15.17 -6.00 -35.77
N ARG B 54 -15.92 -7.09 -35.83
CA ARG B 54 -15.59 -8.15 -36.76
C ARG B 54 -15.13 -7.46 -38.06
N GLU B 55 -15.85 -6.42 -38.46
CA GLU B 55 -15.50 -5.60 -39.62
C GLU B 55 -14.07 -5.11 -39.60
N HIS B 56 -13.76 -4.28 -38.62
CA HIS B 56 -12.50 -3.55 -38.60
C HIS B 56 -11.29 -4.42 -38.33
N ILE B 57 -11.53 -5.64 -37.82
CA ILE B 57 -10.47 -6.61 -37.71
C ILE B 57 -10.15 -7.08 -39.12
N ALA B 59 -10.73 -5.77 -41.95
CA ALA B 59 -10.11 -4.67 -42.70
C ALA B 59 -8.75 -4.31 -42.13
N ASN B 60 -8.73 -3.65 -40.97
CA ASN B 60 -7.48 -3.25 -40.33
C ASN B 60 -7.22 -3.87 -38.94
N PRO B 61 -6.46 -4.98 -38.90
CA PRO B 61 -5.97 -5.53 -37.64
C PRO B 61 -5.27 -4.46 -36.78
N GLU B 62 -4.30 -3.76 -37.37
CA GLU B 62 -3.64 -2.62 -36.75
C GLU B 62 -4.64 -1.76 -35.99
N VAL B 63 -5.51 -1.08 -36.73
CA VAL B 63 -6.43 -0.07 -36.15
C VAL B 63 -7.40 -0.68 -35.11
N PHE B 64 -7.55 -2.00 -35.10
CA PHE B 64 -8.12 -2.64 -33.95
C PHE B 64 -7.24 -2.21 -32.76
N VAL B 65 -5.99 -2.69 -32.76
CA VAL B 65 -5.03 -2.48 -31.67
C VAL B 65 -5.09 -1.08 -31.04
N SER B 66 -4.93 -0.08 -31.90
CA SER B 66 -4.90 1.31 -31.47
C SER B 66 -5.83 1.61 -30.30
N LEU B 68 -7.28 0.58 -28.17
CA LEU B 68 -7.34 -0.33 -27.03
C LEU B 68 -6.51 0.13 -25.84
N LEU B 69 -5.20 0.06 -26.01
CA LEU B 69 -4.21 0.55 -25.06
C LEU B 69 -4.53 2.02 -24.80
N GLU B 70 -4.74 2.71 -25.92
CA GLU B 70 -5.43 3.98 -25.97
C GLU B 70 -6.31 4.19 -24.71
N ALA B 71 -7.27 3.30 -24.50
CA ALA B 71 -8.12 3.32 -23.30
C ALA B 71 -7.47 2.58 -22.12
N VAL B 72 -6.55 3.25 -21.42
CA VAL B 72 -5.86 2.64 -20.26
C VAL B 72 -5.71 3.65 -19.08
#